data_4M1Q
#
_entry.id   4M1Q
#
_cell.length_a   81.878
_cell.length_b   81.878
_cell.length_c   210.268
_cell.angle_alpha   90.000
_cell.angle_beta   90.000
_cell.angle_gamma   120.000
#
_symmetry.space_group_name_H-M   'P 32 2 1'
#
loop_
_entity.id
_entity.type
_entity.pdbx_description
1 polymer 'L-lactate dehydrogenase'
2 non-polymer 'PHOSPHATE ION'
3 non-polymer (4S)-2-METHYL-2,4-PENTANEDIOL
4 water water
#
_entity_poly.entity_id   1
_entity_poly.type   'polypeptide(L)'
_entity_poly.pdbx_seq_one_letter_code
;(MSE)HHHHHHSSGVDLGTENLYFQS(MSE)NTKTSRVVIIGTGAVGSSYAFS(MSE)INQNVTDE(MSE)VLIDLDKRK
TEGDA(MSE)DLNHGIPFGAPTKVWAGDYGDCKSADIVVITAGAAQKPGETRLDLVEKNANIFKGIVDQV(MSE)GSGFN
GIFIIATNPVDVLAYATWKFSGLPKERVIGSGTILDTARFRFLLSEYFDIDVRNIHGYI(MSE)GEHGDTELPVWSQTRI
GSEPISRY(MSE)DKYKPDGSNKDLDEIFVNVRDAAYHIIERKGATHYAIA(MSE)GLARLTKAILRNEQSILTVSTL
(MSE)EGEYDLDDVYIGVPAIVSQKGVERAIEIDLNDEE(MSE)KKLHHSSNTLKDV(MSE)KPIFD(MSE)K
;
_entity_poly.pdbx_strand_id   A,B
#
# COMPACT_ATOMS: atom_id res chain seq x y z
N THR A 25 -8.54 -5.01 -29.31
CA THR A 25 -7.15 -4.52 -29.08
C THR A 25 -6.80 -4.41 -27.58
N LYS A 26 -7.79 -4.66 -26.72
CA LYS A 26 -7.62 -4.68 -25.26
C LYS A 26 -7.30 -3.31 -24.63
N THR A 27 -7.56 -2.25 -25.38
CA THR A 27 -7.29 -0.88 -24.89
C THR A 27 -8.36 -0.45 -23.91
N SER A 28 -7.98 0.40 -22.96
CA SER A 28 -8.94 1.01 -22.07
C SER A 28 -9.24 2.43 -22.50
N ARG A 29 -10.46 2.86 -22.19
CA ARG A 29 -10.90 4.22 -22.51
C ARG A 29 -11.71 4.77 -21.34
N VAL A 30 -11.39 6.00 -20.98
CA VAL A 30 -12.13 6.76 -19.98
C VAL A 30 -12.66 8.00 -20.68
N VAL A 31 -13.95 8.27 -20.43
CA VAL A 31 -14.60 9.48 -20.93
C VAL A 31 -14.82 10.38 -19.74
N ILE A 32 -14.42 11.64 -19.87
CA ILE A 32 -14.64 12.63 -18.82
C ILE A 32 -15.72 13.61 -19.31
N ILE A 33 -16.79 13.71 -18.54
CA ILE A 33 -17.87 14.69 -18.88
C ILE A 33 -17.69 15.88 -17.96
N GLY A 34 -17.42 17.04 -18.54
CA GLY A 34 -17.11 18.24 -17.77
C GLY A 34 -15.62 18.47 -17.79
N THR A 35 -15.19 19.55 -18.41
CA THR A 35 -13.76 19.87 -18.53
C THR A 35 -13.42 21.19 -17.85
N GLY A 36 -14.13 21.47 -16.76
CA GLY A 36 -13.80 22.55 -15.85
C GLY A 36 -12.55 22.15 -15.06
N ALA A 37 -12.27 22.86 -13.97
CA ALA A 37 -11.07 22.63 -13.18
C ALA A 37 -10.93 21.16 -12.73
N VAL A 38 -12.01 20.58 -12.20
CA VAL A 38 -11.94 19.17 -11.72
C VAL A 38 -11.68 18.18 -12.87
N GLY A 39 -12.46 18.28 -13.95
CA GLY A 39 -12.31 17.35 -15.06
C GLY A 39 -10.97 17.46 -15.76
N SER A 40 -10.50 18.69 -15.94
CA SER A 40 -9.22 18.93 -16.59
C SER A 40 -8.05 18.46 -15.70
N SER A 41 -8.15 18.70 -14.38
CA SER A 41 -7.11 18.25 -13.46
C SER A 41 -7.08 16.74 -13.39
N TYR A 42 -8.25 16.13 -13.42
CA TYR A 42 -8.33 14.68 -13.48
C TYR A 42 -7.65 14.15 -14.72
N ALA A 43 -7.97 14.73 -15.87
CA ALA A 43 -7.32 14.31 -17.12
C ALA A 43 -5.80 14.44 -16.98
N PHE A 44 -5.33 15.56 -16.44
CA PHE A 44 -3.87 15.80 -16.38
C PHE A 44 -3.19 14.82 -15.43
N SER A 45 -3.85 14.52 -14.32
CA SER A 45 -3.31 13.53 -13.37
CA SER A 45 -3.31 13.53 -13.37
C SER A 45 -3.18 12.17 -14.06
N ILE A 47 -3.01 11.43 -17.34
CA ILE A 47 -2.00 11.47 -18.38
C ILE A 47 -0.61 11.25 -17.75
N ASN A 48 -0.34 11.98 -16.68
CA ASN A 48 0.96 11.91 -16.02
C ASN A 48 1.19 10.58 -15.29
N GLN A 49 0.13 9.94 -14.81
CA GLN A 49 0.22 8.63 -14.10
C GLN A 49 0.21 7.43 -15.06
N ASN A 50 -0.19 7.66 -16.30
CA ASN A 50 -0.27 6.60 -17.31
C ASN A 50 -1.21 5.46 -16.90
N VAL A 51 -2.49 5.78 -16.76
CA VAL A 51 -3.46 4.84 -16.22
C VAL A 51 -4.38 4.24 -17.27
N THR A 52 -4.68 5.02 -18.31
CA THR A 52 -5.60 4.57 -19.37
C THR A 52 -5.01 4.82 -20.75
N ASP A 53 -5.47 4.08 -21.76
CA ASP A 53 -4.97 4.23 -23.12
C ASP A 53 -5.54 5.42 -23.87
N GLU A 54 -6.82 5.67 -23.60
CA GLU A 54 -7.59 6.64 -24.36
C GLU A 54 -8.41 7.46 -23.40
N VAL A 56 -11.32 10.60 -23.55
CA VAL A 56 -12.18 11.45 -24.37
C VAL A 56 -12.80 12.53 -23.49
N LEU A 57 -12.72 13.78 -23.94
CA LEU A 57 -13.32 14.89 -23.22
C LEU A 57 -14.64 15.32 -23.85
N ILE A 58 -15.67 15.43 -23.02
CA ILE A 58 -16.98 15.95 -23.44
C ILE A 58 -17.41 17.09 -22.53
N ASP A 59 -17.80 18.21 -23.12
CA ASP A 59 -18.42 19.26 -22.34
C ASP A 59 -19.26 20.13 -23.26
N LEU A 60 -20.05 20.99 -22.64
CA LEU A 60 -21.03 21.81 -23.34
C LEU A 60 -20.41 22.73 -24.39
N ASP A 61 -19.36 23.44 -24.01
CA ASP A 61 -18.72 24.40 -24.91
C ASP A 61 -17.74 23.64 -25.79
N LYS A 62 -18.18 23.36 -27.02
CA LYS A 62 -17.42 22.50 -27.92
C LYS A 62 -16.05 23.08 -28.31
N ARG A 63 -16.03 24.36 -28.66
CA ARG A 63 -14.79 25.03 -29.01
C ARG A 63 -13.80 25.11 -27.83
N LYS A 64 -14.27 25.48 -26.65
CA LYS A 64 -13.40 25.47 -25.45
C LYS A 64 -12.84 24.08 -25.22
N THR A 65 -13.70 23.07 -25.30
CA THR A 65 -13.30 21.69 -25.00
C THR A 65 -12.27 21.18 -26.02
N GLU A 66 -12.40 21.61 -27.26
CA GLU A 66 -11.38 21.33 -28.26
C GLU A 66 -10.03 21.91 -27.82
N GLY A 67 -10.07 23.13 -27.28
CA GLY A 67 -8.86 23.79 -26.80
C GLY A 67 -8.28 23.07 -25.58
N ASP A 68 -9.15 22.65 -24.66
CA ASP A 68 -8.76 21.88 -23.47
C ASP A 68 -8.01 20.63 -23.91
N ALA A 69 -8.58 19.91 -24.87
CA ALA A 69 -7.98 18.67 -25.38
C ALA A 69 -6.63 18.94 -26.03
N ASP A 71 -4.52 21.37 -25.42
CA ASP A 71 -3.51 21.68 -24.40
C ASP A 71 -3.08 20.41 -23.68
N LEU A 72 -4.06 19.54 -23.38
CA LEU A 72 -3.80 18.29 -22.65
C LEU A 72 -3.06 17.25 -23.47
N ASN A 73 -3.15 17.32 -24.80
CA ASN A 73 -2.60 16.28 -25.69
C ASN A 73 -1.14 16.49 -26.06
N HIS A 74 -0.29 16.73 -25.07
CA HIS A 74 1.14 16.89 -25.33
C HIS A 74 1.96 15.84 -24.62
N GLY A 75 1.29 14.84 -24.04
CA GLY A 75 1.98 13.80 -23.28
C GLY A 75 2.83 12.91 -24.19
N ILE A 76 2.32 12.62 -25.38
CA ILE A 76 2.99 11.61 -26.23
C ILE A 76 4.50 11.88 -26.54
N PRO A 77 4.86 13.10 -26.95
CA PRO A 77 6.27 13.35 -27.26
C PRO A 77 7.14 13.47 -26.00
N PHE A 78 6.49 13.52 -24.83
CA PHE A 78 7.19 13.51 -23.56
C PHE A 78 7.14 12.15 -22.85
N GLY A 79 6.66 11.13 -23.57
CA GLY A 79 6.69 9.74 -23.09
C GLY A 79 5.49 9.31 -22.26
N ALA A 80 4.42 10.09 -22.32
CA ALA A 80 3.16 9.73 -21.67
C ALA A 80 2.20 9.35 -22.78
N PRO A 81 2.02 8.05 -23.03
CA PRO A 81 1.36 7.67 -24.29
C PRO A 81 -0.18 7.77 -24.40
N THR A 82 -0.87 8.26 -23.37
CA THR A 82 -2.34 8.36 -23.42
C THR A 82 -2.82 9.20 -24.60
N LYS A 83 -3.76 8.65 -25.38
CA LYS A 83 -4.39 9.40 -26.47
C LYS A 83 -5.51 10.25 -25.89
N VAL A 84 -5.49 11.56 -26.16
CA VAL A 84 -6.48 12.49 -25.58
C VAL A 84 -7.17 13.27 -26.69
N TRP A 85 -8.50 13.29 -26.72
CA TRP A 85 -9.21 14.11 -27.71
C TRP A 85 -10.55 14.57 -27.20
N ALA A 86 -11.05 15.64 -27.83
CA ALA A 86 -12.39 16.15 -27.55
C ALA A 86 -13.38 15.39 -28.42
N GLY A 87 -14.42 14.84 -27.78
CA GLY A 87 -15.36 13.98 -28.47
C GLY A 87 -16.82 14.30 -28.18
N ASP A 88 -17.66 13.30 -28.36
CA ASP A 88 -19.10 13.44 -28.13
CA ASP A 88 -19.09 13.47 -28.07
C ASP A 88 -19.64 12.16 -27.51
N TYR A 89 -20.95 12.12 -27.26
CA TYR A 89 -21.51 10.96 -26.57
C TYR A 89 -21.31 9.61 -27.26
N GLY A 90 -21.26 9.59 -28.58
CA GLY A 90 -21.00 8.36 -29.32
C GLY A 90 -19.69 7.68 -28.93
N ASP A 91 -18.73 8.48 -28.50
CA ASP A 91 -17.45 7.93 -28.05
C ASP A 91 -17.54 7.17 -26.71
N CYS A 92 -18.69 7.25 -26.05
CA CYS A 92 -18.91 6.44 -24.84
C CYS A 92 -19.19 4.96 -25.14
N LYS A 93 -19.53 4.65 -26.39
CA LYS A 93 -19.94 3.29 -26.71
C LYS A 93 -18.92 2.25 -26.23
N SER A 94 -17.64 2.52 -26.50
CA SER A 94 -16.57 1.58 -26.16
C SER A 94 -15.87 1.93 -24.84
N ALA A 95 -16.36 2.93 -24.13
CA ALA A 95 -15.68 3.36 -22.91
C ALA A 95 -15.80 2.36 -21.76
N ASP A 96 -14.71 2.14 -21.04
CA ASP A 96 -14.76 1.35 -19.82
C ASP A 96 -15.35 2.14 -18.66
N ILE A 97 -15.04 3.43 -18.61
CA ILE A 97 -15.47 4.29 -17.50
C ILE A 97 -15.93 5.63 -18.06
N VAL A 98 -17.04 6.14 -17.52
CA VAL A 98 -17.44 7.53 -17.73
C VAL A 98 -17.40 8.22 -16.38
N VAL A 99 -16.63 9.31 -16.31
CA VAL A 99 -16.46 10.10 -15.10
C VAL A 99 -17.24 11.41 -15.27
N ILE A 100 -18.27 11.60 -14.45
CA ILE A 100 -19.07 12.84 -14.56
C ILE A 100 -18.63 13.86 -13.51
N THR A 101 -18.12 14.99 -14.00
CA THR A 101 -17.69 16.10 -13.15
C THR A 101 -18.55 17.35 -13.41
N ALA A 102 -19.39 17.28 -14.43
CA ALA A 102 -20.20 18.43 -14.83
C ALA A 102 -21.35 18.67 -13.86
N GLY A 103 -21.83 19.92 -13.83
CA GLY A 103 -22.99 20.26 -13.00
C GLY A 103 -22.85 21.67 -12.48
N ALA A 104 -23.92 22.18 -11.87
CA ALA A 104 -23.90 23.49 -11.25
C ALA A 104 -23.39 23.39 -9.81
N ALA A 105 -22.92 24.53 -9.29
CA ALA A 105 -22.60 24.62 -7.86
C ALA A 105 -23.64 25.54 -7.21
N GLN A 106 -23.99 25.24 -5.95
CA GLN A 106 -25.01 26.01 -5.25
C GLN A 106 -24.62 27.48 -5.16
N LYS A 107 -25.57 28.34 -5.53
CA LYS A 107 -25.39 29.79 -5.46
C LYS A 107 -26.32 30.41 -4.41
N PRO A 108 -25.87 31.49 -3.73
CA PRO A 108 -26.60 32.18 -2.65
C PRO A 108 -28.13 32.13 -2.71
N GLY A 109 -28.71 32.34 -3.90
CA GLY A 109 -30.16 32.45 -4.05
C GLY A 109 -30.96 31.16 -4.04
N GLU A 110 -30.31 30.03 -3.73
CA GLU A 110 -30.95 28.71 -3.82
C GLU A 110 -30.58 27.78 -2.65
N THR A 111 -31.46 26.83 -2.35
CA THR A 111 -31.23 25.86 -1.27
C THR A 111 -30.42 24.63 -1.74
N ARG A 112 -30.11 23.75 -0.80
CA ARG A 112 -29.43 22.49 -1.12
C ARG A 112 -30.33 21.64 -2.01
N LEU A 113 -31.63 21.63 -1.69
CA LEU A 113 -32.60 20.90 -2.48
C LEU A 113 -32.69 21.48 -3.88
N ASP A 114 -32.66 22.82 -3.98
CA ASP A 114 -32.71 23.51 -5.28
C ASP A 114 -31.50 23.07 -6.13
N LEU A 115 -30.34 22.96 -5.49
CA LEU A 115 -29.15 22.45 -6.21
C LEU A 115 -29.29 21.00 -6.65
N VAL A 116 -29.77 20.15 -5.75
CA VAL A 116 -30.09 18.75 -6.05
C VAL A 116 -31.03 18.61 -7.24
N GLU A 117 -32.13 19.36 -7.22
CA GLU A 117 -33.07 19.34 -8.33
C GLU A 117 -32.40 19.74 -9.63
N LYS A 118 -31.63 20.82 -9.59
CA LYS A 118 -30.96 21.34 -10.78
C LYS A 118 -29.93 20.34 -11.31
N ASN A 119 -29.09 19.85 -10.42
CA ASN A 119 -28.08 18.87 -10.86
C ASN A 119 -28.67 17.52 -11.23
N ALA A 120 -29.77 17.13 -10.60
CA ALA A 120 -30.44 15.87 -10.94
C ALA A 120 -30.97 15.96 -12.37
N ASN A 121 -31.57 17.09 -12.71
CA ASN A 121 -32.00 17.36 -14.08
C ASN A 121 -30.86 17.32 -15.10
N ILE A 122 -29.74 17.96 -14.76
CA ILE A 122 -28.54 17.89 -15.57
C ILE A 122 -28.08 16.44 -15.76
N PHE A 123 -28.03 15.68 -14.67
CA PHE A 123 -27.59 14.28 -14.74
C PHE A 123 -28.52 13.38 -15.57
N LYS A 124 -29.83 13.65 -15.51
CA LYS A 124 -30.80 12.89 -16.31
C LYS A 124 -30.44 12.98 -17.80
N GLY A 125 -30.15 14.18 -18.29
CA GLY A 125 -29.75 14.40 -19.68
C GLY A 125 -28.41 13.78 -20.03
N ILE A 126 -27.45 13.91 -19.12
CA ILE A 126 -26.11 13.38 -19.38
C ILE A 126 -26.21 11.85 -19.43
N VAL A 127 -26.85 11.27 -18.42
CA VAL A 127 -26.95 9.82 -18.35
C VAL A 127 -27.72 9.24 -19.55
N ASP A 128 -28.83 9.89 -19.91
CA ASP A 128 -29.56 9.46 -21.12
C ASP A 128 -28.69 9.49 -22.38
N GLN A 129 -27.85 10.51 -22.50
CA GLN A 129 -26.99 10.62 -23.69
C GLN A 129 -25.91 9.55 -23.67
N VAL A 130 -25.35 9.29 -22.47
CA VAL A 130 -24.37 8.22 -22.33
C VAL A 130 -25.00 6.86 -22.68
N GLY A 132 -27.66 6.17 -24.34
CA GLY A 132 -28.06 6.21 -25.75
C GLY A 132 -26.99 5.80 -26.74
N SER A 133 -25.72 5.97 -26.36
CA SER A 133 -24.58 5.61 -27.20
C SER A 133 -24.31 4.11 -27.22
N GLY A 134 -24.89 3.36 -26.28
CA GLY A 134 -24.57 1.94 -26.16
C GLY A 134 -23.56 1.60 -25.06
N PHE A 135 -23.16 2.62 -24.29
CA PHE A 135 -22.21 2.47 -23.17
C PHE A 135 -22.62 1.31 -22.27
N ASN A 136 -21.65 0.51 -21.86
CA ASN A 136 -21.91 -0.60 -20.96
C ASN A 136 -20.73 -0.79 -20.00
N GLY A 137 -20.26 0.33 -19.46
CA GLY A 137 -19.14 0.34 -18.52
C GLY A 137 -19.56 0.71 -17.12
N ILE A 138 -18.68 1.47 -16.45
CA ILE A 138 -18.89 1.90 -15.08
C ILE A 138 -18.93 3.43 -15.04
N PHE A 139 -19.87 3.99 -14.28
CA PHE A 139 -19.91 5.42 -14.02
C PHE A 139 -19.13 5.71 -12.73
N ILE A 140 -18.29 6.74 -12.80
CA ILE A 140 -17.76 7.34 -11.58
C ILE A 140 -18.37 8.73 -11.48
N ILE A 141 -19.03 9.03 -10.37
CA ILE A 141 -19.61 10.38 -10.20
C ILE A 141 -18.74 11.21 -9.27
N ALA A 142 -18.37 12.43 -9.70
CA ALA A 142 -17.58 13.34 -8.89
C ALA A 142 -18.34 14.58 -8.44
N THR A 143 -19.33 14.97 -9.24
CA THR A 143 -20.10 16.23 -8.98
C THR A 143 -20.75 16.21 -7.60
N ASN A 144 -20.64 17.32 -6.89
CA ASN A 144 -21.35 17.46 -5.62
C ASN A 144 -22.81 17.90 -5.79
N PRO A 145 -23.70 17.39 -4.94
CA PRO A 145 -23.46 16.42 -3.85
C PRO A 145 -23.30 14.99 -4.37
N VAL A 146 -22.12 14.41 -4.13
CA VAL A 146 -21.72 13.20 -4.83
C VAL A 146 -22.56 11.97 -4.47
N ASP A 147 -22.99 11.86 -3.21
CA ASP A 147 -23.82 10.73 -2.84
C ASP A 147 -25.19 10.77 -3.48
N VAL A 148 -25.80 11.95 -3.46
CA VAL A 148 -27.10 12.12 -4.07
C VAL A 148 -27.03 11.90 -5.59
N LEU A 149 -26.02 12.46 -6.25
CA LEU A 149 -25.90 12.32 -7.70
C LEU A 149 -25.49 10.94 -8.17
N ALA A 150 -24.76 10.20 -7.34
CA ALA A 150 -24.50 8.80 -7.63
C ALA A 150 -25.80 7.96 -7.54
N TYR A 151 -26.62 8.20 -6.51
CA TYR A 151 -27.92 7.56 -6.44
C TYR A 151 -28.75 7.92 -7.69
N ALA A 152 -28.75 9.19 -8.08
CA ALA A 152 -29.48 9.62 -9.28
C ALA A 152 -29.01 8.89 -10.52
N THR A 153 -27.70 8.78 -10.70
CA THR A 153 -27.11 8.06 -11.82
C THR A 153 -27.53 6.59 -11.83
N TRP A 154 -27.57 5.97 -10.66
CA TRP A 154 -28.01 4.59 -10.54
C TRP A 154 -29.45 4.48 -11.07
N LYS A 155 -30.32 5.36 -10.58
CA LYS A 155 -31.73 5.36 -10.95
C LYS A 155 -31.89 5.60 -12.44
N PHE A 156 -31.19 6.62 -12.96
CA PHE A 156 -31.37 7.03 -14.35
C PHE A 156 -30.81 6.02 -15.37
N SER A 157 -29.70 5.39 -15.03
CA SER A 157 -29.01 4.51 -15.98
C SER A 157 -29.65 3.15 -16.12
N GLY A 158 -30.31 2.68 -15.05
CA GLY A 158 -30.83 1.32 -15.02
C GLY A 158 -29.78 0.27 -14.78
N LEU A 159 -28.53 0.70 -14.56
CA LEU A 159 -27.41 -0.20 -14.34
C LEU A 159 -27.40 -0.81 -12.95
N PRO A 160 -26.72 -1.96 -12.79
CA PRO A 160 -26.57 -2.56 -11.47
C PRO A 160 -25.78 -1.63 -10.57
N LYS A 161 -26.10 -1.64 -9.27
CA LYS A 161 -25.41 -0.79 -8.30
C LYS A 161 -23.87 -0.91 -8.34
N GLU A 162 -23.38 -2.12 -8.67
CA GLU A 162 -21.92 -2.36 -8.74
C GLU A 162 -21.23 -1.40 -9.70
N ARG A 163 -21.96 -0.96 -10.72
CA ARG A 163 -21.34 -0.24 -11.82
C ARG A 163 -21.59 1.26 -11.79
N VAL A 164 -22.13 1.73 -10.67
CA VAL A 164 -22.37 3.16 -10.46
C VAL A 164 -21.74 3.56 -9.13
N ILE A 165 -20.66 4.32 -9.19
CA ILE A 165 -19.82 4.57 -8.01
C ILE A 165 -19.60 6.07 -7.80
N GLY A 166 -19.91 6.59 -6.62
CA GLY A 166 -19.58 7.99 -6.32
C GLY A 166 -18.20 8.03 -5.70
N SER A 167 -17.44 9.08 -5.95
CA SER A 167 -16.13 9.18 -5.30
C SER A 167 -16.27 9.20 -3.77
N GLY A 168 -17.39 9.70 -3.25
CA GLY A 168 -17.69 9.56 -1.82
C GLY A 168 -16.63 10.18 -0.94
N THR A 169 -16.17 9.40 0.03
CA THR A 169 -15.20 9.91 1.00
C THR A 169 -13.75 9.49 0.69
N ILE A 170 -13.49 9.08 -0.55
CA ILE A 170 -12.13 8.62 -0.89
C ILE A 170 -11.09 9.70 -0.54
N LEU A 171 -11.38 10.96 -0.84
CA LEU A 171 -10.40 12.01 -0.54
C LEU A 171 -10.34 12.32 0.95
N ASP A 172 -11.50 12.28 1.61
CA ASP A 172 -11.54 12.55 3.06
C ASP A 172 -10.67 11.51 3.78
N THR A 173 -10.85 10.25 3.40
CA THR A 173 -10.06 9.16 4.01
C THR A 173 -8.56 9.32 3.74
N ALA A 174 -8.23 9.71 2.51
CA ALA A 174 -6.82 9.96 2.16
C ALA A 174 -6.24 11.07 3.03
N ARG A 175 -6.98 12.17 3.17
CA ARG A 175 -6.52 13.26 4.03
C ARG A 175 -6.34 12.81 5.48
N PHE A 176 -7.29 12.00 5.97
CA PHE A 176 -7.28 11.46 7.34
C PHE A 176 -6.02 10.64 7.56
N ARG A 177 -5.74 9.72 6.63
CA ARG A 177 -4.53 8.91 6.78
C ARG A 177 -3.26 9.73 6.66
N PHE A 178 -3.26 10.72 5.76
CA PHE A 178 -2.11 11.60 5.58
C PHE A 178 -1.80 12.35 6.86
N LEU A 179 -2.82 12.98 7.45
CA LEU A 179 -2.62 13.72 8.69
C LEU A 179 -2.11 12.82 9.81
N LEU A 180 -2.67 11.60 9.88
CA LEU A 180 -2.23 10.69 10.92
C LEU A 180 -0.79 10.23 10.66
N SER A 181 -0.44 10.03 9.39
CA SER A 181 0.94 9.65 9.03
C SER A 181 1.97 10.70 9.47
N GLU A 182 1.61 11.97 9.36
CA GLU A 182 2.48 13.04 9.82
C GLU A 182 2.54 13.11 11.35
N TYR A 183 1.40 12.92 11.99
CA TYR A 183 1.29 12.92 13.45
C TYR A 183 2.15 11.84 14.08
N PHE A 184 2.21 10.67 13.43
CA PHE A 184 2.97 9.54 13.98
C PHE A 184 4.32 9.32 13.33
N ASP A 185 4.68 10.16 12.34
CA ASP A 185 5.95 10.06 11.60
CA ASP A 185 5.98 10.04 11.65
C ASP A 185 6.22 8.64 11.10
N ILE A 186 5.23 8.09 10.43
CA ILE A 186 5.29 6.75 9.86
C ILE A 186 4.69 6.77 8.46
N ASP A 187 5.03 5.78 7.65
CA ASP A 187 4.53 5.70 6.29
C ASP A 187 3.02 5.67 6.26
N VAL A 188 2.43 6.47 5.38
CA VAL A 188 0.99 6.53 5.25
C VAL A 188 0.38 5.13 4.95
N ARG A 189 1.16 4.22 4.35
CA ARG A 189 0.65 2.87 4.07
C ARG A 189 0.43 2.05 5.33
N ASN A 190 0.97 2.54 6.43
CA ASN A 190 0.79 1.89 7.74
C ASN A 190 -0.26 2.56 8.62
N ILE A 191 -0.98 3.53 8.05
CA ILE A 191 -2.10 4.17 8.76
C ILE A 191 -3.41 3.60 8.21
N HIS A 192 -4.31 3.18 9.10
CA HIS A 192 -5.52 2.46 8.72
C HIS A 192 -6.72 3.10 9.38
N GLY A 193 -7.32 4.04 8.67
CA GLY A 193 -8.49 4.76 9.21
C GLY A 193 -9.44 5.04 8.08
N TYR A 194 -10.74 5.17 8.41
CA TYR A 194 -11.75 5.50 7.41
C TYR A 194 -12.56 6.69 7.83
N ILE A 195 -12.92 7.51 6.82
CA ILE A 195 -14.02 8.47 6.96
C ILE A 195 -15.25 7.88 6.25
N GLY A 197 -19.81 7.98 5.62
CA GLY A 197 -21.02 8.82 5.58
C GLY A 197 -21.09 9.68 4.34
N GLU A 198 -21.95 10.70 4.40
CA GLU A 198 -21.99 11.75 3.39
C GLU A 198 -20.63 12.40 3.16
N HIS A 199 -20.26 12.63 1.91
CA HIS A 199 -19.12 13.47 1.62
C HIS A 199 -19.52 14.91 1.82
N GLY A 200 -19.26 15.41 3.03
CA GLY A 200 -19.69 16.73 3.44
C GLY A 200 -19.80 16.85 4.93
N ASP A 201 -20.70 17.73 5.38
CA ASP A 201 -20.80 18.16 6.78
C ASP A 201 -21.03 17.05 7.80
N THR A 202 -21.72 16.00 7.39
CA THR A 202 -22.09 14.94 8.33
C THR A 202 -21.20 13.69 8.26
N GLU A 203 -20.07 13.77 7.56
CA GLU A 203 -19.15 12.62 7.56
C GLU A 203 -18.60 12.37 8.97
N LEU A 204 -18.09 11.15 9.19
CA LEU A 204 -17.58 10.80 10.51
C LEU A 204 -16.29 10.02 10.41
N PRO A 205 -15.36 10.25 11.37
CA PRO A 205 -14.17 9.38 11.48
C PRO A 205 -14.54 8.14 12.26
N VAL A 206 -14.04 6.97 11.83
CA VAL A 206 -14.31 5.76 12.60
C VAL A 206 -13.10 5.45 13.49
N TRP A 207 -13.00 6.17 14.60
CA TRP A 207 -11.85 6.04 15.48
C TRP A 207 -11.78 4.66 16.11
N SER A 208 -12.93 3.98 16.28
CA SER A 208 -12.95 2.65 16.93
C SER A 208 -12.29 1.58 16.06
N GLN A 209 -12.11 1.89 14.78
CA GLN A 209 -11.47 0.99 13.83
C GLN A 209 -10.13 1.53 13.35
N THR A 210 -9.69 2.67 13.85
CA THR A 210 -8.41 3.24 13.40
C THR A 210 -7.22 2.55 14.02
N ARG A 211 -6.32 2.09 13.14
CA ARG A 211 -5.15 1.31 13.56
CA ARG A 211 -5.15 1.34 13.58
C ARG A 211 -3.88 1.93 13.00
N ILE A 212 -2.80 1.85 13.78
CA ILE A 212 -1.48 2.27 13.36
C ILE A 212 -0.69 0.96 13.33
N GLY A 213 -0.26 0.58 12.14
CA GLY A 213 0.14 -0.82 11.93
C GLY A 213 -1.08 -1.66 12.30
N SER A 214 -0.86 -2.76 13.03
CA SER A 214 -1.94 -3.69 13.40
C SER A 214 -2.72 -3.26 14.67
N GLU A 215 -2.19 -2.27 15.39
CA GLU A 215 -2.72 -1.93 16.71
C GLU A 215 -3.74 -0.80 16.71
N PRO A 216 -4.75 -0.88 17.60
CA PRO A 216 -5.68 0.25 17.74
C PRO A 216 -4.90 1.52 18.07
N ILE A 217 -5.35 2.66 17.55
CA ILE A 217 -4.62 3.91 17.73
C ILE A 217 -4.39 4.25 19.21
N SER A 218 -5.35 3.92 20.08
CA SER A 218 -5.17 4.20 21.50
C SER A 218 -3.95 3.46 22.05
N ARG A 219 -3.81 2.20 21.68
CA ARG A 219 -2.66 1.38 22.13
C ARG A 219 -1.34 1.91 21.56
N TYR A 220 -1.34 2.24 20.29
CA TYR A 220 -0.15 2.80 19.67
C TYR A 220 0.25 4.12 20.34
N ASP A 222 -0.41 5.07 23.44
CA ASP A 222 0.06 4.74 24.79
C ASP A 222 1.55 4.43 24.75
N LYS A 223 1.96 3.72 23.70
CA LYS A 223 3.34 3.27 23.61
C LYS A 223 4.30 4.29 23.02
N TYR A 224 3.85 5.00 21.98
CA TYR A 224 4.76 5.76 21.14
C TYR A 224 4.42 7.23 20.94
N LYS A 225 3.33 7.69 21.53
CA LYS A 225 2.98 9.12 21.41
C LYS A 225 2.56 9.70 22.75
N PRO A 226 3.55 9.87 23.64
CA PRO A 226 3.29 10.29 25.02
C PRO A 226 2.75 11.70 25.16
N ASP A 227 3.15 12.60 24.27
CA ASP A 227 2.68 13.98 24.32
C ASP A 227 1.37 14.13 23.57
N GLY A 228 0.81 13.01 23.11
CA GLY A 228 -0.43 13.05 22.32
C GLY A 228 -1.66 13.21 23.18
N SER A 229 -2.72 13.77 22.60
CA SER A 229 -3.95 14.05 23.31
C SER A 229 -5.13 13.72 22.41
N ASN A 230 -6.24 13.29 22.99
CA ASN A 230 -7.47 13.15 22.20
C ASN A 230 -7.89 14.44 21.47
N LYS A 231 -7.48 15.59 22.02
CA LYS A 231 -7.75 16.87 21.38
C LYS A 231 -7.05 16.97 20.02
N ASP A 232 -5.86 16.39 19.91
CA ASP A 232 -5.09 16.38 18.65
C ASP A 232 -5.83 15.59 17.59
N LEU A 233 -6.49 14.51 18.02
CA LEU A 233 -7.24 13.64 17.11
C LEU A 233 -8.49 14.34 16.60
N ASP A 234 -9.24 14.95 17.52
CA ASP A 234 -10.35 15.85 17.11
C ASP A 234 -9.88 16.93 16.12
N GLU A 235 -8.74 17.55 16.39
CA GLU A 235 -8.23 18.57 15.49
C GLU A 235 -7.98 17.97 14.09
N ILE A 236 -7.43 16.76 14.08
CA ILE A 236 -7.16 16.09 12.80
C ILE A 236 -8.47 15.88 12.00
N PHE A 237 -9.50 15.34 12.66
CA PHE A 237 -10.75 15.16 11.96
C PHE A 237 -11.38 16.49 11.48
N VAL A 238 -11.37 17.52 12.32
CA VAL A 238 -11.83 18.85 11.89
C VAL A 238 -11.08 19.35 10.65
N ASN A 239 -9.77 19.18 10.64
CA ASN A 239 -8.94 19.49 9.48
CA ASN A 239 -8.94 19.50 9.49
C ASN A 239 -9.38 18.75 8.22
N VAL A 240 -9.71 17.46 8.35
CA VAL A 240 -10.27 16.70 7.22
C VAL A 240 -11.62 17.28 6.78
N ARG A 241 -12.54 17.39 7.75
CA ARG A 241 -13.92 17.81 7.46
C ARG A 241 -13.92 19.15 6.76
N ASP A 242 -13.04 20.06 7.18
CA ASP A 242 -13.10 21.45 6.71
C ASP A 242 -12.04 21.80 5.67
N ALA A 243 -11.37 20.77 5.12
CA ALA A 243 -10.25 20.95 4.21
C ALA A 243 -10.66 21.75 2.97
N ALA A 244 -11.76 21.36 2.34
CA ALA A 244 -12.17 22.03 1.10
C ALA A 244 -12.47 23.50 1.39
N TYR A 245 -13.20 23.75 2.48
CA TYR A 245 -13.52 25.11 2.87
C TYR A 245 -12.27 25.96 3.02
N HIS A 246 -11.23 25.41 3.66
CA HIS A 246 -10.01 26.16 3.92
C HIS A 246 -9.14 26.37 2.67
N ILE A 247 -9.19 25.43 1.74
CA ILE A 247 -8.54 25.64 0.45
C ILE A 247 -9.27 26.74 -0.31
N ILE A 248 -10.60 26.65 -0.37
CA ILE A 248 -11.40 27.61 -1.16
C ILE A 248 -11.26 29.04 -0.61
N GLU A 249 -11.20 29.14 0.72
CA GLU A 249 -11.07 30.41 1.41
C GLU A 249 -9.75 31.12 1.03
N ARG A 250 -8.74 30.34 0.66
CA ARG A 250 -7.44 30.89 0.30
C ARG A 250 -7.25 31.11 -1.20
N LYS A 251 -7.61 30.13 -2.02
CA LYS A 251 -7.29 30.26 -3.43
C LYS A 251 -8.51 30.28 -4.33
N GLY A 252 -9.67 30.22 -3.71
CA GLY A 252 -10.93 30.47 -4.40
C GLY A 252 -11.56 29.29 -5.07
N ALA A 253 -10.82 28.17 -5.08
CA ALA A 253 -11.24 26.99 -5.82
C ALA A 253 -10.46 25.77 -5.30
N THR A 254 -11.02 24.59 -5.50
CA THR A 254 -10.25 23.36 -5.21
C THR A 254 -10.49 22.34 -6.32
N HIS A 255 -9.43 21.64 -6.75
CA HIS A 255 -9.56 20.66 -7.82
C HIS A 255 -8.43 19.62 -7.89
N TYR A 256 -7.20 19.97 -7.49
CA TYR A 256 -6.11 18.99 -7.58
C TYR A 256 -6.34 17.78 -6.68
N ALA A 257 -6.84 18.05 -5.48
CA ALA A 257 -7.06 17.01 -4.47
C ALA A 257 -8.06 15.95 -4.97
N ILE A 258 -9.24 16.41 -5.40
CA ILE A 258 -10.24 15.47 -5.86
C ILE A 258 -9.77 14.76 -7.14
N ALA A 259 -8.98 15.45 -7.97
CA ALA A 259 -8.46 14.83 -9.18
C ALA A 259 -7.62 13.59 -8.83
N GLY A 261 -7.88 11.79 -6.10
CA GLY A 261 -8.81 10.75 -5.63
C GLY A 261 -9.52 10.03 -6.76
N LEU A 262 -9.93 10.80 -7.77
CA LEU A 262 -10.59 10.18 -8.92
C LEU A 262 -9.62 9.27 -9.67
N ALA A 263 -8.36 9.69 -9.80
CA ALA A 263 -7.37 8.86 -10.48
C ALA A 263 -7.15 7.56 -9.70
N ARG A 264 -7.16 7.67 -8.38
CA ARG A 264 -6.95 6.49 -7.53
C ARG A 264 -8.07 5.48 -7.73
N LEU A 265 -9.30 5.99 -7.76
CA LEU A 265 -10.46 5.12 -7.93
C LEU A 265 -10.41 4.48 -9.32
N THR A 266 -10.00 5.25 -10.33
CA THR A 266 -9.96 4.77 -11.71
C THR A 266 -8.95 3.62 -11.83
N LYS A 267 -7.83 3.79 -11.16
CA LYS A 267 -6.77 2.79 -11.16
C LYS A 267 -7.27 1.47 -10.53
N ALA A 268 -8.01 1.55 -9.44
CA ALA A 268 -8.55 0.35 -8.77
C ALA A 268 -9.46 -0.44 -9.71
N ILE A 269 -10.21 0.27 -10.53
CA ILE A 269 -11.13 -0.37 -11.45
C ILE A 269 -10.34 -0.96 -12.63
N LEU A 270 -9.53 -0.13 -13.27
CA LEU A 270 -8.86 -0.57 -14.50
C LEU A 270 -7.83 -1.67 -14.25
N ARG A 271 -7.21 -1.63 -13.07
CA ARG A 271 -6.21 -2.63 -12.71
C ARG A 271 -6.82 -3.79 -11.93
N ASN A 272 -8.14 -3.78 -11.78
CA ASN A 272 -8.87 -4.88 -11.12
C ASN A 272 -8.28 -5.22 -9.74
N GLU A 273 -8.12 -4.21 -8.91
CA GLU A 273 -7.41 -4.41 -7.64
C GLU A 273 -8.12 -5.29 -6.61
N GLN A 274 -9.45 -5.15 -6.53
CA GLN A 274 -10.21 -5.72 -5.43
C GLN A 274 -9.70 -5.16 -4.11
N SER A 275 -9.39 -3.88 -4.10
CA SER A 275 -8.94 -3.24 -2.87
C SER A 275 -10.02 -2.43 -2.18
N ILE A 276 -9.78 -2.12 -0.90
CA ILE A 276 -10.75 -1.39 -0.10
C ILE A 276 -10.56 0.11 -0.27
N LEU A 277 -11.60 0.76 -0.77
CA LEU A 277 -11.67 2.21 -0.85
C LEU A 277 -12.98 2.66 -0.25
N THR A 278 -12.96 3.81 0.42
CA THR A 278 -14.21 4.38 0.92
C THR A 278 -14.81 5.20 -0.21
N VAL A 279 -15.78 4.61 -0.88
CA VAL A 279 -16.47 5.23 -2.00
C VAL A 279 -17.97 5.25 -1.69
N SER A 280 -18.74 6.00 -2.48
CA SER A 280 -20.19 6.04 -2.30
C SER A 280 -20.85 4.95 -3.11
N THR A 281 -21.59 4.09 -2.42
CA THR A 281 -22.28 2.99 -3.07
C THR A 281 -23.66 2.83 -2.46
N LEU A 282 -24.50 2.02 -3.09
CA LEU A 282 -25.88 1.83 -2.63
C LEU A 282 -25.96 0.94 -1.39
N GLU A 284 -28.10 -1.54 0.67
CA GLU A 284 -29.24 -2.47 0.60
C GLU A 284 -29.22 -3.36 1.82
N GLY A 285 -29.28 -2.74 3.00
CA GLY A 285 -29.26 -3.49 4.25
C GLY A 285 -28.00 -3.34 5.08
N GLU A 286 -26.87 -3.03 4.46
CA GLU A 286 -25.63 -2.83 5.20
C GLU A 286 -25.80 -1.68 6.19
N TYR A 287 -25.29 -1.89 7.41
CA TYR A 287 -25.35 -0.91 8.49
C TYR A 287 -26.79 -0.55 8.86
N ASP A 288 -27.73 -1.45 8.55
CA ASP A 288 -29.17 -1.18 8.67
C ASP A 288 -29.62 0.07 7.90
N LEU A 289 -28.99 0.31 6.75
CA LEU A 289 -29.39 1.39 5.87
C LEU A 289 -29.94 0.83 4.57
N ASP A 290 -30.86 1.58 3.96
CA ASP A 290 -31.49 1.19 2.70
CA ASP A 290 -31.46 1.19 2.70
C ASP A 290 -31.81 2.41 1.87
N ASP A 291 -31.86 2.24 0.55
CA ASP A 291 -32.28 3.27 -0.40
C ASP A 291 -31.53 4.59 -0.29
N VAL A 292 -30.22 4.47 -0.24
CA VAL A 292 -29.34 5.63 -0.12
C VAL A 292 -27.95 5.22 -0.59
N TYR A 293 -27.29 6.10 -1.36
CA TYR A 293 -25.83 6.00 -1.60
C TYR A 293 -25.09 6.73 -0.48
N ILE A 294 -24.05 6.10 0.05
CA ILE A 294 -23.29 6.70 1.14
C ILE A 294 -21.89 6.12 1.13
N GLY A 295 -20.95 6.87 1.71
CA GLY A 295 -19.53 6.49 1.73
C GLY A 295 -19.25 5.42 2.77
N VAL A 296 -18.73 4.30 2.29
CA VAL A 296 -18.37 3.18 3.15
C VAL A 296 -17.11 2.50 2.59
N PRO A 297 -16.36 1.78 3.46
CA PRO A 297 -15.33 0.92 2.87
C PRO A 297 -15.95 -0.11 1.94
N ALA A 298 -15.38 -0.25 0.74
CA ALA A 298 -15.95 -1.14 -0.27
C ALA A 298 -14.84 -1.77 -1.10
N ILE A 299 -15.05 -3.00 -1.55
CA ILE A 299 -14.12 -3.68 -2.46
CA ILE A 299 -14.10 -3.66 -2.44
C ILE A 299 -14.35 -3.19 -3.88
N VAL A 300 -13.31 -2.62 -4.49
CA VAL A 300 -13.42 -2.04 -5.83
C VAL A 300 -12.51 -2.79 -6.79
N SER A 301 -13.06 -3.15 -7.95
CA SER A 301 -12.31 -3.92 -8.95
C SER A 301 -12.82 -3.60 -10.35
N GLN A 302 -12.43 -4.41 -11.33
CA GLN A 302 -12.95 -4.27 -12.69
C GLN A 302 -14.48 -4.47 -12.77
N LYS A 303 -15.03 -5.15 -11.77
CA LYS A 303 -16.47 -5.37 -11.67
C LYS A 303 -17.21 -4.14 -11.09
N GLY A 304 -16.46 -3.12 -10.65
CA GLY A 304 -17.05 -1.97 -9.96
C GLY A 304 -16.94 -2.16 -8.46
N VAL A 305 -17.99 -1.81 -7.73
CA VAL A 305 -18.04 -2.14 -6.29
C VAL A 305 -18.53 -3.56 -6.09
N GLU A 306 -17.63 -4.45 -5.71
CA GLU A 306 -18.00 -5.86 -5.49
C GLU A 306 -18.82 -6.06 -4.23
N ARG A 307 -18.56 -5.24 -3.22
CA ARG A 307 -19.12 -5.42 -1.89
C ARG A 307 -18.95 -4.15 -1.08
N ALA A 308 -20.02 -3.72 -0.42
CA ALA A 308 -19.90 -2.74 0.64
C ALA A 308 -19.53 -3.49 1.91
N ILE A 309 -18.38 -3.17 2.49
CA ILE A 309 -17.93 -3.87 3.69
C ILE A 309 -18.59 -3.28 4.91
N GLU A 310 -19.15 -4.16 5.75
CA GLU A 310 -19.67 -3.76 7.04
C GLU A 310 -18.64 -3.98 8.12
N ILE A 311 -18.11 -2.89 8.66
CA ILE A 311 -17.18 -2.96 9.78
C ILE A 311 -17.95 -2.68 11.06
N ASP A 312 -17.53 -3.30 12.17
CA ASP A 312 -18.21 -3.07 13.44
C ASP A 312 -18.05 -1.62 13.81
N LEU A 313 -19.15 -0.98 14.21
CA LEU A 313 -19.10 0.40 14.70
C LEU A 313 -19.53 0.48 16.16
N ASN A 314 -18.97 1.42 16.91
CA ASN A 314 -19.50 1.63 18.27
C ASN A 314 -20.83 2.38 18.21
N ASP A 315 -21.53 2.48 19.33
CA ASP A 315 -22.87 3.05 19.30
C ASP A 315 -22.90 4.48 18.77
N GLU A 316 -21.92 5.29 19.18
CA GLU A 316 -21.88 6.69 18.74
C GLU A 316 -21.58 6.83 17.25
N GLU A 317 -20.69 5.99 16.74
CA GLU A 317 -20.40 5.95 15.29
C GLU A 317 -21.62 5.54 14.45
N LYS A 319 -24.73 5.79 15.34
CA LYS A 319 -25.67 6.92 15.43
C LYS A 319 -25.31 8.03 14.42
N LYS A 320 -24.02 8.36 14.34
CA LYS A 320 -23.57 9.39 13.40
C LYS A 320 -23.80 8.96 11.95
N LEU A 321 -23.58 7.68 11.66
CA LEU A 321 -23.74 7.22 10.28
C LEU A 321 -25.22 7.29 9.90
N HIS A 322 -26.12 6.92 10.82
CA HIS A 322 -27.54 7.01 10.54
C HIS A 322 -28.01 8.44 10.40
N HIS A 323 -27.45 9.33 11.22
CA HIS A 323 -27.74 10.75 11.09
C HIS A 323 -27.32 11.29 9.71
N SER A 324 -26.13 10.86 9.26
CA SER A 324 -25.65 11.19 7.93
C SER A 324 -26.61 10.68 6.84
N SER A 325 -27.02 9.42 6.94
CA SER A 325 -27.96 8.85 5.98
C SER A 325 -29.28 9.64 5.97
N ASN A 326 -29.83 9.91 7.16
CA ASN A 326 -31.05 10.74 7.30
C ASN A 326 -30.91 12.09 6.61
N THR A 327 -29.76 12.73 6.81
CA THR A 327 -29.48 14.04 6.22
C THR A 327 -29.55 13.96 4.69
N LEU A 328 -28.97 12.90 4.12
CA LEU A 328 -29.02 12.70 2.67
C LEU A 328 -30.44 12.47 2.20
N LYS A 329 -31.18 11.64 2.91
CA LYS A 329 -32.52 11.31 2.48
C LYS A 329 -33.46 12.52 2.53
N ASP A 330 -33.23 13.43 3.47
CA ASP A 330 -34.01 14.68 3.57
C ASP A 330 -33.94 15.57 2.32
N VAL A 331 -32.80 15.55 1.61
CA VAL A 331 -32.62 16.36 0.39
C VAL A 331 -32.91 15.59 -0.90
N LYS A 333 -35.56 13.15 -0.84
CA LYS A 333 -36.99 12.79 -0.74
C LYS A 333 -37.97 13.61 -1.59
N PRO A 334 -37.78 14.94 -1.67
CA PRO A 334 -38.73 15.66 -2.51
C PRO A 334 -38.44 15.58 -4.02
N ILE A 335 -37.47 14.73 -4.41
CA ILE A 335 -37.19 14.54 -5.83
C ILE A 335 -37.31 13.08 -6.27
N PHE A 336 -36.76 12.17 -5.46
CA PHE A 336 -36.73 10.75 -5.80
C PHE A 336 -37.83 9.97 -5.09
N LYS B 26 24.42 13.22 -5.05
CA LYS B 26 23.21 12.71 -4.35
C LYS B 26 22.87 11.31 -4.82
N THR B 27 23.86 10.63 -5.38
CA THR B 27 23.66 9.28 -5.90
C THR B 27 23.69 8.27 -4.76
N SER B 28 22.94 7.19 -4.93
CA SER B 28 22.97 6.09 -3.98
C SER B 28 23.83 4.95 -4.53
N ARG B 29 24.43 4.19 -3.63
CA ARG B 29 25.24 3.02 -4.01
C ARG B 29 24.93 1.86 -3.09
N VAL B 30 24.68 0.71 -3.71
CA VAL B 30 24.50 -0.56 -3.01
C VAL B 30 25.60 -1.52 -3.43
N VAL B 31 26.30 -2.09 -2.45
CA VAL B 31 27.31 -3.12 -2.71
C VAL B 31 26.70 -4.47 -2.38
N ILE B 32 26.87 -5.44 -3.28
CA ILE B 32 26.41 -6.81 -3.06
C ILE B 32 27.62 -7.73 -2.88
N ILE B 33 27.73 -8.36 -1.71
CA ILE B 33 28.78 -9.36 -1.49
C ILE B 33 28.20 -10.72 -1.75
N GLY B 34 28.76 -11.43 -2.72
CA GLY B 34 28.24 -12.73 -3.12
C GLY B 34 27.42 -12.58 -4.40
N THR B 35 27.90 -13.20 -5.47
CA THR B 35 27.17 -13.16 -6.74
C THR B 35 26.69 -14.54 -7.17
N GLY B 36 26.40 -15.39 -6.20
CA GLY B 36 25.65 -16.63 -6.44
C GLY B 36 24.21 -16.30 -6.81
N ALA B 37 23.33 -17.30 -6.75
CA ALA B 37 21.93 -17.16 -7.18
C ALA B 37 21.21 -16.01 -6.44
N VAL B 38 21.41 -15.92 -5.13
CA VAL B 38 20.71 -14.89 -4.35
C VAL B 38 21.20 -13.49 -4.71
N GLY B 39 22.51 -13.27 -4.69
CA GLY B 39 23.04 -11.93 -4.96
C GLY B 39 22.72 -11.46 -6.37
N SER B 40 22.84 -12.38 -7.33
CA SER B 40 22.60 -12.06 -8.74
C SER B 40 21.12 -11.78 -9.00
N SER B 41 20.25 -12.57 -8.37
CA SER B 41 18.81 -12.32 -8.52
C SER B 41 18.42 -11.01 -7.84
N TYR B 42 19.03 -10.72 -6.68
CA TYR B 42 18.81 -9.44 -6.03
C TYR B 42 19.27 -8.30 -6.96
N ALA B 43 20.46 -8.43 -7.53
CA ALA B 43 20.96 -7.42 -8.48
C ALA B 43 19.95 -7.22 -9.63
N PHE B 44 19.47 -8.32 -10.21
CA PHE B 44 18.57 -8.24 -11.35
C PHE B 44 17.21 -7.61 -10.99
N SER B 45 16.68 -7.94 -9.82
CA SER B 45 15.43 -7.32 -9.34
CA SER B 45 15.44 -7.32 -9.35
C SER B 45 15.61 -5.81 -9.23
N ILE B 47 17.84 -3.81 -10.67
CA ILE B 47 18.09 -3.14 -11.94
C ILE B 47 16.73 -2.90 -12.61
N ASN B 48 15.89 -3.93 -12.63
CA ASN B 48 14.57 -3.83 -13.25
C ASN B 48 13.61 -2.92 -12.49
N GLN B 49 13.74 -2.82 -11.16
CA GLN B 49 12.87 -1.94 -10.35
C GLN B 49 13.35 -0.50 -10.34
N ASN B 50 14.63 -0.29 -10.65
CA ASN B 50 15.25 1.04 -10.64
C ASN B 50 15.27 1.71 -9.27
N VAL B 51 15.99 1.11 -8.36
CA VAL B 51 15.96 1.53 -6.96
C VAL B 51 17.22 2.30 -6.53
N THR B 52 18.39 1.92 -7.06
CA THR B 52 19.65 2.57 -6.71
C THR B 52 20.39 3.07 -7.97
N ASP B 53 21.26 4.05 -7.81
CA ASP B 53 22.01 4.58 -8.95
C ASP B 53 23.20 3.70 -9.33
N GLU B 54 23.85 3.11 -8.34
CA GLU B 54 25.10 2.39 -8.52
C GLU B 54 25.02 1.07 -7.78
N VAL B 56 27.59 -2.25 -6.95
CA VAL B 56 28.95 -2.84 -7.03
C VAL B 56 28.89 -4.28 -6.54
N LEU B 57 29.47 -5.17 -7.34
CA LEU B 57 29.46 -6.61 -7.06
C LEU B 57 30.83 -7.04 -6.56
N ILE B 58 30.87 -7.73 -5.42
CA ILE B 58 32.11 -8.31 -4.87
C ILE B 58 31.91 -9.79 -4.56
N ASP B 59 32.86 -10.63 -5.00
CA ASP B 59 32.89 -12.02 -4.57
C ASP B 59 34.30 -12.56 -4.70
N LEU B 60 34.49 -13.83 -4.32
CA LEU B 60 35.83 -14.39 -4.22
C LEU B 60 36.55 -14.57 -5.55
N ASP B 61 35.85 -15.16 -6.52
CA ASP B 61 36.37 -15.40 -7.85
C ASP B 61 36.22 -14.12 -8.69
N LYS B 62 37.32 -13.37 -8.82
CA LYS B 62 37.28 -12.04 -9.43
C LYS B 62 36.90 -12.07 -10.91
N ARG B 63 37.45 -13.03 -11.64
CA ARG B 63 37.14 -13.19 -13.04
C ARG B 63 35.66 -13.53 -13.23
N LYS B 64 35.15 -14.46 -12.41
CA LYS B 64 33.73 -14.85 -12.47
C LYS B 64 32.84 -13.65 -12.17
N THR B 65 33.19 -12.88 -11.13
CA THR B 65 32.40 -11.70 -10.74
C THR B 65 32.38 -10.65 -11.87
N GLU B 66 33.49 -10.51 -12.59
CA GLU B 66 33.51 -9.62 -13.75
C GLU B 66 32.48 -10.07 -14.77
N GLY B 67 32.42 -11.38 -15.01
CA GLY B 67 31.42 -11.97 -15.89
C GLY B 67 29.99 -11.72 -15.40
N ASP B 68 29.78 -11.86 -14.10
CA ASP B 68 28.47 -11.63 -13.50
C ASP B 68 28.03 -10.21 -13.74
N ALA B 69 28.94 -9.27 -13.51
CA ALA B 69 28.65 -7.85 -13.73
C ALA B 69 28.38 -7.57 -15.20
N ASP B 71 27.12 -9.52 -17.48
CA ASP B 71 25.80 -10.01 -17.90
C ASP B 71 24.69 -9.11 -17.33
N LEU B 72 24.88 -8.68 -16.10
CA LEU B 72 23.91 -7.82 -15.42
C LEU B 72 23.88 -6.40 -15.98
N ASN B 73 24.99 -5.93 -16.53
CA ASN B 73 25.10 -4.52 -16.95
C ASN B 73 24.54 -4.24 -18.36
N HIS B 74 23.30 -4.65 -18.63
CA HIS B 74 22.66 -4.34 -19.91
C HIS B 74 21.39 -3.51 -19.77
N GLY B 75 21.13 -3.02 -18.56
CA GLY B 75 19.91 -2.22 -18.32
C GLY B 75 19.86 -0.89 -19.04
N ILE B 76 21.01 -0.20 -19.10
CA ILE B 76 21.03 1.16 -19.62
C ILE B 76 20.40 1.34 -21.03
N PRO B 77 20.78 0.51 -22.04
CA PRO B 77 20.19 0.72 -23.35
C PRO B 77 18.73 0.27 -23.41
N PHE B 78 18.24 -0.37 -22.35
CA PHE B 78 16.84 -0.77 -22.29
C PHE B 78 16.04 0.11 -21.31
N GLY B 79 16.62 1.23 -20.91
CA GLY B 79 15.89 2.22 -20.10
C GLY B 79 15.96 2.01 -18.60
N ALA B 80 16.87 1.16 -18.16
CA ALA B 80 17.08 0.90 -16.74
C ALA B 80 18.44 1.47 -16.37
N PRO B 81 18.49 2.68 -15.77
CA PRO B 81 19.76 3.44 -15.75
C PRO B 81 20.82 3.04 -14.70
N THR B 82 20.55 2.01 -13.90
CA THR B 82 21.49 1.60 -12.82
C THR B 82 22.86 1.22 -13.41
N LYS B 83 23.92 1.79 -12.84
CA LYS B 83 25.28 1.46 -13.25
C LYS B 83 25.75 0.28 -12.45
N VAL B 84 26.24 -0.76 -13.12
CA VAL B 84 26.62 -2.00 -12.45
C VAL B 84 28.02 -2.42 -12.81
N TRP B 85 28.84 -2.68 -11.79
CA TRP B 85 30.23 -3.10 -12.05
C TRP B 85 30.78 -4.03 -10.97
N ALA B 86 31.79 -4.82 -11.35
CA ALA B 86 32.52 -5.65 -10.40
C ALA B 86 33.57 -4.78 -9.72
N GLY B 87 33.56 -4.76 -8.40
CA GLY B 87 34.50 -3.93 -7.66
C GLY B 87 35.27 -4.69 -6.59
N ASP B 88 35.77 -3.94 -5.63
CA ASP B 88 36.50 -4.49 -4.50
C ASP B 88 36.05 -3.79 -3.23
N TYR B 89 36.62 -4.20 -2.11
CA TYR B 89 36.15 -3.68 -0.82
C TYR B 89 36.29 -2.17 -0.68
N GLY B 90 37.30 -1.58 -1.35
CA GLY B 90 37.46 -0.12 -1.33
C GLY B 90 36.24 0.64 -1.83
N ASP B 91 35.49 0.03 -2.74
CA ASP B 91 34.24 0.62 -3.24
C ASP B 91 33.11 0.72 -2.21
N CYS B 92 33.29 0.09 -1.04
CA CYS B 92 32.32 0.20 0.05
C CYS B 92 32.42 1.52 0.77
N LYS B 93 33.51 2.26 0.58
CA LYS B 93 33.71 3.49 1.34
C LYS B 93 32.52 4.45 1.22
N SER B 94 32.03 4.64 0.00
CA SER B 94 30.93 5.57 -0.24
C SER B 94 29.57 4.87 -0.34
N ALA B 95 29.53 3.57 -0.06
CA ALA B 95 28.27 2.82 -0.21
C ALA B 95 27.26 3.19 0.87
N ASP B 96 26.01 3.37 0.45
CA ASP B 96 24.90 3.56 1.40
C ASP B 96 24.52 2.26 2.11
N ILE B 97 24.54 1.15 1.36
CA ILE B 97 24.14 -0.17 1.85
C ILE B 97 25.12 -1.22 1.33
N VAL B 98 25.48 -2.19 2.19
CA VAL B 98 26.22 -3.38 1.79
C VAL B 98 25.29 -4.55 2.09
N VAL B 99 24.98 -5.34 1.08
CA VAL B 99 24.09 -6.48 1.23
C VAL B 99 24.94 -7.74 1.18
N ILE B 100 24.92 -8.53 2.25
CA ILE B 100 25.73 -9.76 2.30
C ILE B 100 24.87 -11.00 1.98
N THR B 101 25.20 -11.67 0.86
CA THR B 101 24.49 -12.87 0.40
C THR B 101 25.43 -14.09 0.33
N ALA B 102 26.71 -13.84 0.52
CA ALA B 102 27.73 -14.88 0.44
C ALA B 102 27.66 -15.85 1.62
N GLY B 103 28.11 -17.09 1.39
CA GLY B 103 28.07 -18.11 2.43
C GLY B 103 28.80 -19.34 1.98
N ALA B 104 28.75 -20.39 2.81
CA ALA B 104 29.40 -21.65 2.48
C ALA B 104 28.47 -22.53 1.63
N ALA B 105 29.06 -23.33 0.75
CA ALA B 105 28.31 -24.30 -0.04
C ALA B 105 29.22 -25.43 -0.51
N GLY B 109 28.66 -27.98 4.58
CA GLY B 109 27.48 -27.56 5.32
C GLY B 109 26.42 -28.64 5.39
N GLU B 110 26.80 -29.83 5.86
CA GLU B 110 25.89 -30.97 5.93
C GLU B 110 24.89 -30.86 7.09
N THR B 111 25.40 -30.52 8.28
CA THR B 111 24.54 -30.28 9.45
C THR B 111 24.33 -28.79 9.61
N ARG B 112 23.22 -28.41 10.25
CA ARG B 112 22.94 -27.00 10.53
C ARG B 112 24.07 -26.37 11.34
N LEU B 113 24.60 -27.12 12.31
CA LEU B 113 25.66 -26.63 13.18
C LEU B 113 26.95 -26.33 12.43
N ASP B 114 27.35 -27.25 11.56
CA ASP B 114 28.53 -27.08 10.72
C ASP B 114 28.39 -25.85 9.82
N LEU B 115 27.20 -25.66 9.25
CA LEU B 115 26.95 -24.53 8.35
C LEU B 115 27.05 -23.18 9.05
N VAL B 116 26.53 -23.10 10.28
CA VAL B 116 26.54 -21.82 11.00
C VAL B 116 27.97 -21.45 11.34
N GLU B 117 28.76 -22.44 11.76
CA GLU B 117 30.18 -22.16 11.99
C GLU B 117 30.91 -21.67 10.77
N LYS B 118 30.67 -22.35 9.65
CA LYS B 118 31.33 -21.98 8.40
C LYS B 118 30.91 -20.56 8.02
N ASN B 119 29.62 -20.26 8.16
CA ASN B 119 29.16 -18.93 7.77
C ASN B 119 29.62 -17.81 8.67
N ALA B 120 29.70 -18.07 9.98
CA ALA B 120 30.28 -17.13 10.94
C ALA B 120 31.73 -16.77 10.58
N ASN B 121 32.53 -17.79 10.25
CA ASN B 121 33.88 -17.57 9.76
C ASN B 121 33.93 -16.70 8.51
N ILE B 122 33.05 -17.00 7.55
CA ILE B 122 33.00 -16.22 6.32
C ILE B 122 32.65 -14.76 6.63
N PHE B 123 31.65 -14.58 7.48
CA PHE B 123 31.20 -13.22 7.80
C PHE B 123 32.24 -12.37 8.50
N LYS B 124 33.06 -12.97 9.35
CA LYS B 124 34.11 -12.21 10.02
C LYS B 124 35.05 -11.60 8.98
N GLY B 125 35.42 -12.41 7.98
CA GLY B 125 36.33 -11.98 6.92
C GLY B 125 35.73 -10.88 6.07
N ILE B 126 34.46 -11.06 5.71
CA ILE B 126 33.73 -10.07 4.89
C ILE B 126 33.58 -8.77 5.65
N VAL B 127 33.04 -8.84 6.87
CA VAL B 127 32.77 -7.63 7.64
C VAL B 127 34.05 -6.85 7.95
N ASP B 128 35.12 -7.54 8.31
CA ASP B 128 36.40 -6.86 8.53
C ASP B 128 36.89 -6.07 7.31
N GLN B 129 36.80 -6.68 6.14
CA GLN B 129 37.18 -6.02 4.89
C GLN B 129 36.28 -4.83 4.57
N VAL B 130 34.98 -4.97 4.81
CA VAL B 130 34.07 -3.84 4.60
C VAL B 130 34.42 -2.67 5.54
N GLY B 132 37.17 -2.03 7.00
CA GLY B 132 38.51 -1.55 6.65
C GLY B 132 38.51 -0.53 5.53
N SER B 133 37.45 -0.51 4.73
CA SER B 133 37.32 0.45 3.62
C SER B 133 36.91 1.85 4.07
N GLY B 134 36.45 1.97 5.31
CA GLY B 134 35.83 3.21 5.77
C GLY B 134 34.32 3.26 5.61
N PHE B 135 33.71 2.16 5.18
CA PHE B 135 32.23 2.06 5.09
C PHE B 135 31.55 2.58 6.36
N ASN B 136 30.51 3.39 6.15
CA ASN B 136 29.71 3.90 7.26
C ASN B 136 28.23 3.99 6.90
N GLY B 137 27.74 2.96 6.23
CA GLY B 137 26.34 2.87 5.83
C GLY B 137 25.61 1.80 6.62
N ILE B 138 24.71 1.10 5.95
CA ILE B 138 23.84 0.10 6.58
C ILE B 138 24.15 -1.28 6.00
N PHE B 139 24.25 -2.30 6.86
CA PHE B 139 24.33 -3.68 6.39
C PHE B 139 22.94 -4.30 6.29
N ILE B 140 22.64 -4.93 5.15
CA ILE B 140 21.54 -5.89 5.06
C ILE B 140 22.12 -7.30 4.95
N ILE B 141 21.72 -8.20 5.84
CA ILE B 141 22.18 -9.58 5.81
C ILE B 141 21.07 -10.45 5.23
N ALA B 142 21.41 -11.22 4.20
CA ALA B 142 20.50 -12.19 3.57
C ALA B 142 20.85 -13.66 3.84
N THR B 143 22.14 -13.94 4.03
CA THR B 143 22.62 -15.32 4.20
C THR B 143 21.97 -16.00 5.41
N ASN B 144 21.60 -17.27 5.28
CA ASN B 144 21.02 -18.02 6.38
C ASN B 144 22.09 -18.75 7.21
N PRO B 145 21.88 -18.87 8.54
CA PRO B 145 20.73 -18.41 9.32
C PRO B 145 20.81 -16.91 9.54
N VAL B 146 19.80 -16.22 9.04
CA VAL B 146 19.87 -14.78 8.90
C VAL B 146 19.90 -14.02 10.23
N ASP B 147 19.18 -14.52 11.23
CA ASP B 147 19.17 -13.86 12.54
C ASP B 147 20.53 -13.97 13.19
N VAL B 148 21.10 -15.17 13.16
CA VAL B 148 22.42 -15.41 13.75
C VAL B 148 23.51 -14.59 13.05
N LEU B 149 23.42 -14.53 11.72
CA LEU B 149 24.41 -13.81 10.93
C LEU B 149 24.24 -12.29 10.98
N ALA B 150 23.01 -11.83 11.19
CA ALA B 150 22.78 -10.43 11.45
C ALA B 150 23.42 -10.05 12.80
N TYR B 151 23.22 -10.89 13.82
CA TYR B 151 23.85 -10.66 15.12
C TYR B 151 25.39 -10.65 14.96
N ALA B 152 25.92 -11.61 14.20
CA ALA B 152 27.36 -11.66 13.91
C ALA B 152 27.84 -10.37 13.29
N THR B 153 27.09 -9.86 12.31
CA THR B 153 27.48 -8.65 11.63
C THR B 153 27.49 -7.46 12.58
N TRP B 154 26.51 -7.39 13.47
CA TRP B 154 26.44 -6.36 14.47
C TRP B 154 27.70 -6.42 15.36
N LYS B 155 28.01 -7.61 15.86
CA LYS B 155 29.21 -7.80 16.72
C LYS B 155 30.51 -7.48 16.00
N PHE B 156 30.67 -8.02 14.80
CA PHE B 156 31.93 -7.88 14.06
C PHE B 156 32.16 -6.43 13.62
N SER B 157 31.07 -5.74 13.23
CA SER B 157 31.20 -4.42 12.64
C SER B 157 31.42 -3.33 13.68
N GLY B 158 30.86 -3.53 14.88
CA GLY B 158 30.84 -2.48 15.89
C GLY B 158 29.87 -1.34 15.58
N LEU B 159 29.02 -1.52 14.57
CA LEU B 159 28.05 -0.48 14.23
C LEU B 159 26.85 -0.46 15.17
N PRO B 160 26.14 0.68 15.25
CA PRO B 160 24.89 0.72 16.03
C PRO B 160 23.87 -0.26 15.45
N LYS B 161 23.05 -0.84 16.33
CA LYS B 161 22.05 -1.83 15.95
C LYS B 161 21.14 -1.35 14.81
N GLU B 162 20.82 -0.05 14.78
CA GLU B 162 19.90 0.52 13.78
C GLU B 162 20.40 0.27 12.36
N ARG B 163 21.72 0.12 12.23
CA ARG B 163 22.33 0.05 10.90
C ARG B 163 22.80 -1.35 10.49
N VAL B 164 22.35 -2.37 11.21
CA VAL B 164 22.65 -3.77 10.86
C VAL B 164 21.33 -4.52 10.88
N ILE B 165 20.86 -4.93 9.72
CA ILE B 165 19.49 -5.41 9.59
C ILE B 165 19.47 -6.73 8.86
N GLY B 166 18.87 -7.76 9.46
CA GLY B 166 18.66 -9.02 8.74
C GLY B 166 17.35 -8.94 7.96
N SER B 167 17.28 -9.61 6.81
CA SER B 167 16.00 -9.70 6.09
C SER B 167 14.93 -10.38 6.99
N GLY B 168 15.35 -11.27 7.90
CA GLY B 168 14.41 -11.78 8.89
C GLY B 168 13.21 -12.48 8.29
N THR B 169 12.01 -12.07 8.72
CA THR B 169 10.77 -12.73 8.30
C THR B 169 10.04 -11.91 7.23
N ILE B 170 10.76 -11.00 6.59
CA ILE B 170 10.14 -10.15 5.57
C ILE B 170 9.45 -11.02 4.51
N LEU B 171 10.13 -12.06 4.04
CA LEU B 171 9.55 -12.93 3.03
C LEU B 171 8.42 -13.80 3.59
N ASP B 172 8.59 -14.30 4.83
CA ASP B 172 7.55 -15.11 5.48
C ASP B 172 6.27 -14.31 5.61
N THR B 173 6.42 -13.06 6.04
CA THR B 173 5.27 -12.17 6.21
C THR B 173 4.59 -11.90 4.86
N ALA B 174 5.40 -11.64 3.83
CA ALA B 174 4.86 -11.45 2.46
C ALA B 174 4.07 -12.67 2.00
N ARG B 175 4.61 -13.86 2.22
CA ARG B 175 3.89 -15.08 1.86
C ARG B 175 2.58 -15.22 2.64
N PHE B 176 2.63 -14.88 3.93
CA PHE B 176 1.48 -14.98 4.83
C PHE B 176 0.35 -14.08 4.29
N ARG B 177 0.68 -12.83 3.98
CA ARG B 177 -0.31 -11.88 3.44
C ARG B 177 -0.82 -12.32 2.07
N PHE B 178 0.07 -12.83 1.23
CA PHE B 178 -0.31 -13.24 -0.11
C PHE B 178 -1.31 -14.42 -0.03
N LEU B 179 -1.04 -15.40 0.83
CA LEU B 179 -1.94 -16.55 0.95
C LEU B 179 -3.31 -16.15 1.50
N LEU B 180 -3.30 -15.23 2.46
CA LEU B 180 -4.54 -14.72 3.04
C LEU B 180 -5.30 -13.92 1.98
N SER B 181 -4.57 -13.19 1.15
CA SER B 181 -5.22 -12.39 0.10
C SER B 181 -5.97 -13.29 -0.88
N GLU B 182 -5.42 -14.47 -1.14
CA GLU B 182 -6.04 -15.43 -2.04
C GLU B 182 -7.23 -16.10 -1.36
N TYR B 183 -7.06 -16.39 -0.07
CA TYR B 183 -8.11 -16.99 0.74
C TYR B 183 -9.35 -16.10 0.83
N PHE B 184 -9.15 -14.78 0.92
CA PHE B 184 -10.25 -13.82 1.06
C PHE B 184 -10.65 -13.10 -0.24
N ASP B 185 -9.97 -13.41 -1.35
CA ASP B 185 -10.24 -12.78 -2.64
CA ASP B 185 -10.24 -12.78 -2.66
C ASP B 185 -10.24 -11.25 -2.57
N ILE B 186 -9.20 -10.71 -1.95
CA ILE B 186 -9.04 -9.27 -1.73
C ILE B 186 -7.58 -8.86 -1.99
N ASP B 187 -7.36 -7.59 -2.29
CA ASP B 187 -6.02 -7.06 -2.53
C ASP B 187 -5.11 -7.33 -1.33
N VAL B 188 -3.90 -7.77 -1.62
CA VAL B 188 -2.91 -8.06 -0.58
C VAL B 188 -2.58 -6.84 0.28
N ARG B 189 -2.78 -5.63 -0.27
CA ARG B 189 -2.55 -4.41 0.52
CA ARG B 189 -2.55 -4.42 0.52
C ARG B 189 -3.55 -4.24 1.67
N ASN B 190 -4.65 -5.00 1.63
CA ASN B 190 -5.67 -4.95 2.67
C ASN B 190 -5.60 -6.14 3.64
N ILE B 191 -4.53 -6.92 3.53
CA ILE B 191 -4.26 -8.00 4.47
C ILE B 191 -3.16 -7.54 5.42
N HIS B 192 -3.40 -7.70 6.73
CA HIS B 192 -2.49 -7.15 7.72
C HIS B 192 -2.13 -8.21 8.72
N GLY B 193 -1.00 -8.86 8.49
CA GLY B 193 -0.60 -9.96 9.35
C GLY B 193 0.91 -10.01 9.40
N TYR B 194 1.45 -10.54 10.50
CA TYR B 194 2.91 -10.67 10.67
C TYR B 194 3.33 -12.08 11.00
N ILE B 195 4.47 -12.46 10.45
CA ILE B 195 5.24 -13.60 10.97
C ILE B 195 6.39 -13.04 11.80
N GLY B 197 9.67 -13.90 14.86
CA GLY B 197 10.58 -14.91 15.41
C GLY B 197 11.76 -15.18 14.50
N GLU B 198 12.47 -16.28 14.77
CA GLU B 198 13.48 -16.81 13.84
C GLU B 198 12.90 -16.99 12.44
N HIS B 199 13.68 -16.62 11.42
CA HIS B 199 13.39 -17.00 10.04
C HIS B 199 13.77 -18.47 9.86
N GLY B 200 12.81 -19.35 10.16
CA GLY B 200 13.07 -20.79 10.24
C GLY B 200 11.99 -21.53 11.01
N ASP B 201 12.37 -22.70 11.54
CA ASP B 201 11.43 -23.64 12.17
C ASP B 201 10.60 -23.09 13.32
N THR B 202 11.13 -22.11 14.05
CA THR B 202 10.39 -21.62 15.21
C THR B 202 9.66 -20.29 15.00
N GLU B 203 9.50 -19.87 13.75
CA GLU B 203 8.66 -18.70 13.38
CA GLU B 203 8.70 -18.66 13.50
C GLU B 203 7.25 -18.90 13.90
N LEU B 204 6.52 -17.81 14.15
CA LEU B 204 5.12 -17.88 14.54
C LEU B 204 4.25 -16.87 13.78
N PRO B 205 3.01 -17.26 13.44
CA PRO B 205 2.01 -16.31 12.94
C PRO B 205 1.37 -15.61 14.13
N VAL B 206 1.15 -14.31 13.99
CA VAL B 206 0.53 -13.55 15.10
C VAL B 206 -0.94 -13.36 14.75
N TRP B 207 -1.72 -14.42 14.93
CA TRP B 207 -3.12 -14.38 14.53
C TRP B 207 -3.93 -13.36 15.32
N SER B 208 -3.52 -13.07 16.55
CA SER B 208 -4.25 -12.12 17.42
C SER B 208 -4.16 -10.71 16.89
N GLN B 209 -3.21 -10.49 15.99
CA GLN B 209 -3.00 -9.18 15.41
C GLN B 209 -3.30 -9.18 13.92
N THR B 210 -3.91 -10.25 13.41
CA THR B 210 -4.15 -10.34 11.96
C THR B 210 -5.49 -9.70 11.65
N ARG B 211 -5.47 -8.74 10.70
CA ARG B 211 -6.66 -7.99 10.33
C ARG B 211 -6.88 -8.03 8.83
N ILE B 212 -8.14 -8.06 8.42
CA ILE B 212 -8.53 -8.01 7.02
C ILE B 212 -9.25 -6.67 6.92
N GLY B 213 -8.69 -5.76 6.14
CA GLY B 213 -9.00 -4.33 6.33
C GLY B 213 -8.70 -4.01 7.78
N SER B 214 -9.59 -3.29 8.46
CA SER B 214 -9.33 -2.91 9.87
C SER B 214 -9.89 -3.91 10.89
N GLU B 215 -10.57 -4.94 10.41
CA GLU B 215 -11.26 -5.87 11.31
C GLU B 215 -10.41 -7.09 11.68
N PRO B 216 -10.46 -7.52 12.97
CA PRO B 216 -9.79 -8.77 13.33
C PRO B 216 -10.26 -9.90 12.41
N ILE B 217 -9.35 -10.81 12.06
CA ILE B 217 -9.62 -11.87 11.09
C ILE B 217 -10.86 -12.72 11.44
N SER B 218 -11.04 -13.01 12.72
CA SER B 218 -12.18 -13.82 13.15
C SER B 218 -13.51 -13.15 12.83
N ARG B 219 -13.60 -11.83 13.09
CA ARG B 219 -14.79 -11.04 12.76
C ARG B 219 -15.04 -11.03 11.26
N TYR B 220 -13.99 -10.78 10.47
CA TYR B 220 -14.13 -10.80 9.02
C TYR B 220 -14.64 -12.14 8.51
N ASP B 222 -16.42 -14.40 10.29
CA ASP B 222 -17.82 -14.51 10.72
C ASP B 222 -18.76 -13.94 9.65
N LYS B 223 -18.33 -12.85 9.03
CA LYS B 223 -19.20 -12.12 8.11
C LYS B 223 -19.08 -12.55 6.65
N TYR B 224 -17.86 -12.87 6.20
CA TYR B 224 -17.59 -13.05 4.78
C TYR B 224 -16.94 -14.37 4.37
N LYS B 225 -16.60 -15.18 5.38
CA LYS B 225 -16.00 -16.49 5.15
C LYS B 225 -16.59 -17.46 6.18
N PRO B 226 -17.93 -17.59 6.21
CA PRO B 226 -18.53 -18.32 7.34
C PRO B 226 -18.17 -19.80 7.42
N ASP B 227 -17.84 -20.41 6.27
CA ASP B 227 -17.44 -21.82 6.21
C ASP B 227 -15.94 -22.04 6.46
N GLY B 228 -15.21 -20.95 6.64
CA GLY B 228 -13.79 -21.02 6.99
C GLY B 228 -13.56 -21.59 8.37
N SER B 229 -12.40 -22.20 8.56
CA SER B 229 -12.09 -22.90 9.80
C SER B 229 -10.70 -22.52 10.27
N ASN B 230 -10.42 -22.80 11.55
CA ASN B 230 -9.06 -22.71 12.07
C ASN B 230 -8.10 -23.66 11.35
N LYS B 231 -8.63 -24.80 10.90
CA LYS B 231 -7.89 -25.73 10.05
C LYS B 231 -7.31 -25.03 8.81
N ASP B 232 -8.12 -24.23 8.13
CA ASP B 232 -7.68 -23.52 6.91
C ASP B 232 -6.54 -22.57 7.21
N LEU B 233 -6.66 -21.85 8.33
CA LEU B 233 -5.65 -20.88 8.76
C LEU B 233 -4.35 -21.57 9.18
N ASP B 234 -4.47 -22.65 9.95
CA ASP B 234 -3.29 -23.42 10.29
C ASP B 234 -2.56 -23.93 9.04
N GLU B 235 -3.32 -24.34 8.03
CA GLU B 235 -2.75 -24.82 6.78
C GLU B 235 -2.01 -23.71 6.04
N ILE B 236 -2.61 -22.51 6.06
CA ILE B 236 -1.97 -21.33 5.52
C ILE B 236 -0.62 -21.06 6.20
N PHE B 237 -0.59 -21.07 7.54
CA PHE B 237 0.70 -20.88 8.20
C PHE B 237 1.72 -21.99 7.87
N VAL B 238 1.28 -23.25 7.87
CA VAL B 238 2.19 -24.35 7.52
C VAL B 238 2.77 -24.12 6.12
N ASN B 239 1.94 -23.63 5.20
CA ASN B 239 2.39 -23.35 3.85
C ASN B 239 3.50 -22.28 3.84
N VAL B 240 3.32 -21.23 4.62
CA VAL B 240 4.38 -20.23 4.81
C VAL B 240 5.67 -20.83 5.40
N ARG B 241 5.51 -21.55 6.50
CA ARG B 241 6.65 -22.06 7.25
C ARG B 241 7.50 -22.96 6.36
N ASP B 242 6.85 -23.75 5.50
CA ASP B 242 7.54 -24.78 4.70
C ASP B 242 7.73 -24.41 3.24
N ALA B 243 7.49 -23.15 2.88
CA ALA B 243 7.57 -22.74 1.48
C ALA B 243 8.93 -23.00 0.86
N ALA B 244 10.01 -22.64 1.55
CA ALA B 244 11.35 -22.78 1.00
C ALA B 244 11.64 -24.25 0.75
N TYR B 245 11.25 -25.08 1.72
CA TYR B 245 11.43 -26.53 1.63
C TYR B 245 10.75 -27.05 0.37
N HIS B 246 9.51 -26.62 0.12
CA HIS B 246 8.77 -27.12 -1.03
C HIS B 246 9.27 -26.59 -2.37
N ILE B 247 9.85 -25.39 -2.38
CA ILE B 247 10.54 -24.90 -3.57
C ILE B 247 11.80 -25.72 -3.83
N ILE B 248 12.61 -25.88 -2.78
CA ILE B 248 13.91 -26.54 -2.89
C ILE B 248 13.75 -28.00 -3.32
N GLU B 249 12.72 -28.67 -2.80
CA GLU B 249 12.52 -30.08 -3.13
C GLU B 249 12.20 -30.29 -4.62
N ARG B 250 11.70 -29.23 -5.27
CA ARG B 250 11.35 -29.29 -6.68
C ARG B 250 12.42 -28.79 -7.64
N LYS B 251 13.13 -27.72 -7.28
CA LYS B 251 14.08 -27.17 -8.25
C LYS B 251 15.45 -26.93 -7.67
N GLY B 252 15.63 -27.32 -6.42
CA GLY B 252 16.95 -27.51 -5.86
C GLY B 252 17.65 -26.29 -5.32
N ALA B 253 16.98 -25.15 -5.37
CA ALA B 253 17.53 -23.89 -4.88
C ALA B 253 16.36 -22.91 -4.86
N THR B 254 16.45 -21.89 -4.00
CA THR B 254 15.46 -20.81 -4.04
C THR B 254 16.25 -19.50 -4.03
N HIS B 255 15.78 -18.49 -4.80
CA HIS B 255 16.48 -17.21 -4.81
C HIS B 255 15.63 -16.03 -5.25
N TYR B 256 14.67 -16.27 -6.14
CA TYR B 256 13.85 -15.16 -6.63
C TYR B 256 13.05 -14.54 -5.51
N ALA B 257 12.50 -15.38 -4.63
CA ALA B 257 11.67 -14.90 -3.55
C ALA B 257 12.44 -13.98 -2.61
N ILE B 258 13.59 -14.46 -2.12
CA ILE B 258 14.35 -13.62 -1.21
C ILE B 258 14.89 -12.37 -1.90
N ALA B 259 15.21 -12.47 -3.20
CA ALA B 259 15.58 -11.28 -3.98
C ALA B 259 14.52 -10.17 -3.89
N GLY B 261 12.28 -9.78 -1.60
CA GLY B 261 12.28 -9.29 -0.20
C GLY B 261 13.38 -8.29 0.06
N LEU B 262 14.58 -8.63 -0.37
CA LEU B 262 15.74 -7.76 -0.24
C LEU B 262 15.52 -6.44 -0.99
N ALA B 263 14.93 -6.48 -2.18
CA ALA B 263 14.66 -5.23 -2.91
C ALA B 263 13.65 -4.36 -2.14
N ARG B 264 12.60 -4.98 -1.56
CA ARG B 264 11.63 -4.24 -0.74
C ARG B 264 12.30 -3.52 0.42
N LEU B 265 13.14 -4.24 1.15
CA LEU B 265 13.85 -3.64 2.27
C LEU B 265 14.76 -2.51 1.81
N THR B 266 15.43 -2.71 0.68
CA THR B 266 16.36 -1.72 0.16
C THR B 266 15.59 -0.44 -0.20
N LYS B 267 14.41 -0.57 -0.81
CA LYS B 267 13.61 0.60 -1.12
CA LYS B 267 13.56 0.60 -1.12
C LYS B 267 13.18 1.35 0.15
N ALA B 268 12.81 0.61 1.19
CA ALA B 268 12.40 1.30 2.41
C ALA B 268 13.51 2.18 2.97
N ILE B 269 14.74 1.69 2.89
CA ILE B 269 15.90 2.47 3.30
C ILE B 269 16.20 3.64 2.36
N LEU B 270 16.36 3.35 1.06
CA LEU B 270 16.83 4.39 0.16
C LEU B 270 15.80 5.49 -0.06
N ARG B 271 14.52 5.12 0.05
CA ARG B 271 13.41 6.06 -0.09
C ARG B 271 12.96 6.63 1.25
N ASN B 272 13.65 6.27 2.33
CA ASN B 272 13.33 6.83 3.67
C ASN B 272 11.85 6.71 4.01
N GLU B 273 11.32 5.50 3.84
CA GLU B 273 9.88 5.29 3.93
C GLU B 273 9.28 5.39 5.32
N GLN B 274 10.04 4.99 6.34
CA GLN B 274 9.52 4.85 7.69
C GLN B 274 8.35 3.88 7.69
N SER B 275 8.48 2.82 6.92
CA SER B 275 7.42 1.83 6.86
C SER B 275 7.67 0.64 7.76
N ILE B 276 6.59 -0.05 8.10
CA ILE B 276 6.70 -1.23 8.97
C ILE B 276 7.05 -2.49 8.15
N LEU B 277 8.18 -3.11 8.45
CA LEU B 277 8.58 -4.37 7.83
C LEU B 277 9.04 -5.31 8.93
N THR B 278 8.76 -6.59 8.77
CA THR B 278 9.22 -7.58 9.75
C THR B 278 10.63 -8.01 9.35
N VAL B 279 11.60 -7.36 9.98
CA VAL B 279 13.02 -7.64 9.75
C VAL B 279 13.65 -8.14 11.03
N SER B 280 14.85 -8.70 10.88
CA SER B 280 15.60 -9.14 12.04
C SER B 280 16.39 -7.96 12.60
N THR B 281 16.13 -7.64 13.87
CA THR B 281 16.81 -6.53 14.52
C THR B 281 17.15 -6.92 15.96
N LEU B 282 17.99 -6.13 16.60
CA LEU B 282 18.47 -6.49 17.96
C LEU B 282 17.44 -6.14 19.02
N GLU B 284 16.61 -5.14 22.71
CA GLU B 284 17.19 -4.50 23.87
C GLU B 284 16.10 -4.16 24.87
N GLY B 285 15.32 -5.17 25.23
CA GLY B 285 14.23 -5.04 26.19
C GLY B 285 12.84 -5.28 25.60
N GLU B 286 12.70 -5.07 24.29
CA GLU B 286 11.40 -5.25 23.64
C GLU B 286 10.95 -6.70 23.83
N TYR B 287 9.68 -6.87 24.17
CA TYR B 287 9.07 -8.19 24.37
C TYR B 287 9.73 -8.94 25.53
N ASP B 288 10.41 -8.20 26.40
CA ASP B 288 11.21 -8.78 27.50
C ASP B 288 12.30 -9.72 26.97
N LEU B 289 12.78 -9.40 25.77
CA LEU B 289 13.93 -10.07 25.16
C LEU B 289 15.15 -9.15 25.15
N ASP B 290 16.33 -9.75 25.18
CA ASP B 290 17.55 -8.98 25.14
C ASP B 290 18.64 -9.81 24.49
N ASP B 291 19.56 -9.13 23.82
CA ASP B 291 20.80 -9.71 23.28
C ASP B 291 20.54 -10.85 22.29
N VAL B 292 19.66 -10.58 21.31
CA VAL B 292 19.32 -11.55 20.29
C VAL B 292 18.78 -10.73 19.11
N TYR B 293 19.13 -11.12 17.89
CA TYR B 293 18.44 -10.64 16.68
C TYR B 293 17.29 -11.56 16.37
N ILE B 294 16.12 -10.98 16.10
CA ILE B 294 14.93 -11.78 15.84
C ILE B 294 13.96 -10.94 15.00
N GLY B 295 13.09 -11.62 14.25
CA GLY B 295 12.13 -10.96 13.33
C GLY B 295 10.96 -10.37 14.07
N VAL B 296 10.80 -9.04 13.94
CA VAL B 296 9.69 -8.31 14.60
C VAL B 296 9.26 -7.20 13.63
N PRO B 297 8.00 -6.71 13.74
CA PRO B 297 7.64 -5.51 12.96
C PRO B 297 8.52 -4.33 13.41
N ALA B 298 9.09 -3.60 12.45
CA ALA B 298 10.00 -2.52 12.78
C ALA B 298 9.83 -1.38 11.80
N ILE B 299 10.06 -0.15 12.26
CA ILE B 299 10.04 1.00 11.36
C ILE B 299 11.38 1.12 10.65
N VAL B 300 11.35 1.11 9.31
CA VAL B 300 12.57 1.11 8.50
C VAL B 300 12.63 2.38 7.67
N SER B 301 13.78 3.05 7.71
CA SER B 301 13.97 4.32 6.99
C SER B 301 15.42 4.49 6.54
N GLN B 302 15.78 5.70 6.10
CA GLN B 302 17.19 5.97 5.77
C GLN B 302 18.10 5.82 6.98
N LYS B 303 17.51 5.85 8.18
CA LYS B 303 18.27 5.65 9.42
C LYS B 303 18.52 4.18 9.73
N GLY B 304 17.97 3.30 8.90
CA GLY B 304 17.97 1.85 9.19
C GLY B 304 16.72 1.52 9.99
N VAL B 305 16.84 0.70 11.02
CA VAL B 305 15.71 0.39 11.89
C VAL B 305 15.57 1.45 12.97
N GLU B 306 14.54 2.30 12.85
CA GLU B 306 14.34 3.38 13.82
C GLU B 306 13.81 2.86 15.14
N ARG B 307 13.02 1.80 15.07
CA ARG B 307 12.26 1.29 16.20
C ARG B 307 11.82 -0.15 15.93
N ALA B 308 12.07 -1.03 16.90
CA ALA B 308 11.41 -2.33 16.93
C ALA B 308 10.06 -2.14 17.60
N ILE B 309 8.99 -2.36 16.85
CA ILE B 309 7.65 -2.14 17.36
C ILE B 309 7.23 -3.28 18.25
N GLU B 310 6.72 -2.92 19.43
CA GLU B 310 6.14 -3.90 20.32
C GLU B 310 4.64 -3.93 20.13
N ILE B 311 4.15 -5.02 19.55
CA ILE B 311 2.71 -5.22 19.43
C ILE B 311 2.21 -6.14 20.56
N ASP B 312 0.97 -5.96 20.99
CA ASP B 312 0.42 -6.85 22.02
C ASP B 312 0.32 -8.28 21.51
N LEU B 313 0.84 -9.23 22.28
CA LEU B 313 0.73 -10.65 21.94
C LEU B 313 -0.08 -11.38 22.99
N ASN B 314 -0.82 -12.41 22.58
CA ASN B 314 -1.50 -13.23 23.57
C ASN B 314 -0.46 -14.13 24.25
N ASP B 315 -0.88 -14.88 25.28
CA ASP B 315 0.07 -15.65 26.07
C ASP B 315 0.79 -16.67 25.23
N GLU B 316 0.06 -17.39 24.39
CA GLU B 316 0.64 -18.43 23.55
C GLU B 316 1.63 -17.86 22.54
N GLU B 317 1.31 -16.69 21.99
CA GLU B 317 2.18 -16.04 21.03
C GLU B 317 3.48 -15.58 21.70
N LYS B 319 4.79 -16.84 24.39
CA LYS B 319 5.52 -18.08 24.69
C LYS B 319 6.29 -18.61 23.48
N LYS B 320 5.61 -18.64 22.33
CA LYS B 320 6.26 -19.03 21.08
C LYS B 320 7.44 -18.09 20.72
N LEU B 321 7.24 -16.78 20.89
CA LEU B 321 8.32 -15.82 20.61
C LEU B 321 9.55 -16.04 21.52
N HIS B 322 9.31 -16.28 22.82
CA HIS B 322 10.41 -16.55 23.71
C HIS B 322 11.08 -17.89 23.41
N HIS B 323 10.30 -18.89 23.02
CA HIS B 323 10.88 -20.18 22.57
C HIS B 323 11.80 -19.97 21.37
N SER B 324 11.36 -19.14 20.43
CA SER B 324 12.17 -18.85 19.26
C SER B 324 13.46 -18.11 19.62
N SER B 325 13.36 -17.14 20.52
CA SER B 325 14.53 -16.45 21.04
C SER B 325 15.51 -17.42 21.70
N ASN B 326 14.99 -18.31 22.54
CA ASN B 326 15.81 -19.30 23.25
C ASN B 326 16.53 -20.20 22.26
N THR B 327 15.81 -20.55 21.19
CA THR B 327 16.35 -21.41 20.15
C THR B 327 17.52 -20.73 19.46
N LEU B 328 17.34 -19.47 19.07
CA LEU B 328 18.40 -18.69 18.48
C LEU B 328 19.60 -18.54 19.41
N LYS B 329 19.35 -18.29 20.69
CA LYS B 329 20.44 -18.07 21.63
C LYS B 329 21.28 -19.32 21.80
N ASP B 330 20.63 -20.49 21.76
CA ASP B 330 21.35 -21.78 21.78
C ASP B 330 22.28 -22.00 20.57
N VAL B 331 21.97 -21.39 19.43
CA VAL B 331 22.85 -21.41 18.28
C VAL B 331 23.95 -20.37 18.46
N LYS B 333 25.24 -18.78 21.39
CA LYS B 333 26.16 -18.79 22.53
C LYS B 333 27.44 -19.64 22.35
N PRO B 334 27.38 -20.73 21.57
CA PRO B 334 28.58 -21.45 21.13
C PRO B 334 29.52 -20.68 20.18
N ILE B 335 29.03 -19.60 19.58
CA ILE B 335 29.80 -18.85 18.59
C ILE B 335 30.28 -17.50 19.12
N PHE B 336 29.42 -16.82 19.89
CA PHE B 336 29.71 -15.47 20.34
C PHE B 336 29.82 -15.41 21.86
N ASP B 337 30.75 -14.61 22.35
CA ASP B 337 30.89 -14.35 23.78
C ASP B 337 29.76 -13.45 24.29
#